data_7V40
#
_entry.id   7V40
#
_cell.length_a   111.092
_cell.length_b   111.092
_cell.length_c   80.815
_cell.angle_alpha   90.000
_cell.angle_beta   90.000
_cell.angle_gamma   120.000
#
_symmetry.space_group_name_H-M   'P 32 2 1'
#
loop_
_entity.id
_entity.type
_entity.pdbx_description
1 polymer 'p450tol monooxygenase'
2 non-polymer 'PROTOPORPHYRIN IX CONTAINING FE'
3 non-polymer 'PHOSPHATE ION'
4 water water
#
_entity_poly.entity_id   1
_entity_poly.type   'polypeptide(L)'
_entity_poly.pdbx_seq_one_letter_code
;MTTVESNTTAAIPDEIARQIVLPEGHKDNVPLFEAYRWLRENQPLGQARVEGYDPLWLITKYADLMEVERQPQIFAAGGG
EDKGSNNPILANQAGDEFTRQLLGGNLRILDALPYLDQPEHSVVKDVAFDWFRPANLKKWEDRIRETARASIDRLLAGGP
DLDAVQEFAVFFPLRVIMSLFGVPEEDEPRMMALTQDFFGVADPDAQRDDIEALSPDAAAQQWAATIADFYAYFDVLVES
RRAEPRDDLATLIAVAKDENGEYFPKTFAYGWFVAIATAGHDTTASTLAGCLQSLAAHPEVLDRVKGDPDLIPDLVNESL
RIVSPVKHFTRVALQDYEMRGQKIKAGDRLMLLFQSGNRDAEVFDRPDDFDIDRRPNKHIAFGYGPHMCIGQHLAKLELK
VMLQELLPHLERVEVSGEPKLIQTNFVGGLRKLPVHLTFS
;
_entity_poly.pdbx_strand_id   A
#
loop_
_chem_comp.id
_chem_comp.type
_chem_comp.name
_chem_comp.formula
HEM non-polymer 'PROTOPORPHYRIN IX CONTAINING FE' 'C34 H32 Fe N4 O4'
PO4 non-polymer 'PHOSPHATE ION' 'O4 P -3'
#
# COMPACT_ATOMS: atom_id res chain seq x y z
N THR A 9 -18.75 17.92 -18.22
CA THR A 9 -19.48 18.29 -16.97
C THR A 9 -20.27 17.07 -16.44
N ALA A 10 -20.67 16.13 -17.30
CA ALA A 10 -21.53 15.03 -16.84
C ALA A 10 -20.74 14.18 -15.83
N ALA A 11 -21.44 13.62 -14.86
CA ALA A 11 -20.90 12.62 -13.95
C ALA A 11 -20.25 11.54 -14.82
N ILE A 12 -19.32 10.78 -14.28
CA ILE A 12 -18.80 9.56 -14.91
C ILE A 12 -19.98 8.59 -15.06
N PRO A 13 -20.03 7.85 -16.16
CA PRO A 13 -21.06 6.81 -16.31
C PRO A 13 -20.99 5.81 -15.15
N ASP A 14 -22.16 5.37 -14.72
CA ASP A 14 -22.31 4.64 -13.45
C ASP A 14 -21.49 3.36 -13.50
N GLU A 15 -21.43 2.58 -14.59
CA GLU A 15 -20.73 1.29 -14.45
C GLU A 15 -19.21 1.47 -14.38
N ILE A 16 -18.71 2.53 -14.99
CA ILE A 16 -17.26 2.85 -14.91
C ILE A 16 -16.95 3.34 -13.47
N ALA A 17 -17.80 4.19 -12.96
CA ALA A 17 -17.66 4.73 -11.59
C ALA A 17 -17.63 3.58 -10.60
N ARG A 18 -18.61 2.70 -10.65
CA ARG A 18 -18.71 1.60 -9.67
C ARG A 18 -17.49 0.71 -9.74
N GLN A 19 -16.96 0.46 -10.95
CA GLN A 19 -15.81 -0.44 -11.13
C GLN A 19 -14.61 0.02 -10.28
N ILE A 20 -14.46 1.31 -10.17
CA ILE A 20 -13.26 1.88 -9.47
C ILE A 20 -13.57 2.18 -8.01
N VAL A 21 -14.77 2.65 -7.72
CA VAL A 21 -15.09 3.06 -6.32
C VAL A 21 -15.43 1.86 -5.45
N LEU A 22 -16.18 0.92 -5.98
CA LEU A 22 -16.58 -0.22 -5.12
C LEU A 22 -15.43 -1.21 -4.97
N PRO A 23 -15.17 -1.73 -3.75
CA PRO A 23 -14.15 -2.74 -3.56
C PRO A 23 -14.32 -3.98 -4.46
N GLU A 24 -15.56 -4.40 -4.71
CA GLU A 24 -15.89 -5.54 -5.61
C GLU A 24 -15.42 -5.27 -7.05
N GLY A 25 -15.32 -4.02 -7.47
CA GLY A 25 -14.77 -3.65 -8.79
C GLY A 25 -13.30 -4.01 -8.97
N HIS A 26 -12.55 -4.23 -7.90
CA HIS A 26 -11.12 -4.57 -7.94
C HIS A 26 -10.88 -6.08 -7.82
N LYS A 27 -11.94 -6.89 -7.86
CA LYS A 27 -11.78 -8.35 -7.72
C LYS A 27 -10.98 -8.92 -8.88
N ASP A 28 -11.11 -8.34 -10.06
CA ASP A 28 -10.44 -8.77 -11.29
C ASP A 28 -9.75 -7.57 -11.93
N ASN A 29 -8.45 -7.66 -12.07
CA ASN A 29 -7.70 -6.54 -12.70
C ASN A 29 -8.14 -6.18 -14.11
N VAL A 30 -8.59 -7.14 -14.94
CA VAL A 30 -8.88 -6.79 -16.36
C VAL A 30 -9.96 -5.72 -16.43
N PRO A 31 -11.19 -5.89 -15.92
CA PRO A 31 -12.21 -4.83 -16.03
C PRO A 31 -11.86 -3.53 -15.25
N LEU A 32 -11.13 -3.72 -14.16
CA LEU A 32 -10.65 -2.53 -13.38
C LEU A 32 -9.78 -1.64 -14.27
N PHE A 33 -8.75 -2.22 -14.83
CA PHE A 33 -7.76 -1.44 -15.63
C PHE A 33 -8.43 -0.94 -16.90
N GLU A 34 -9.41 -1.68 -17.44
CA GLU A 34 -10.12 -1.16 -18.60
C GLU A 34 -10.94 0.06 -18.22
N ALA A 35 -11.47 0.13 -16.98
CA ALA A 35 -12.23 1.30 -16.53
C ALA A 35 -11.26 2.50 -16.36
N TYR A 36 -10.10 2.25 -15.77
CA TYR A 36 -9.12 3.37 -15.64
C TYR A 36 -8.83 3.90 -17.06
N ARG A 37 -8.61 2.99 -17.98
CA ARG A 37 -8.23 3.36 -19.37
C ARG A 37 -9.36 4.11 -20.07
N TRP A 38 -10.59 3.65 -19.90
CA TRP A 38 -11.75 4.39 -20.46
C TRP A 38 -11.74 5.83 -19.98
N LEU A 39 -11.53 6.04 -18.67
CA LEU A 39 -11.48 7.43 -18.14
C LEU A 39 -10.30 8.20 -18.76
N ARG A 40 -9.10 7.63 -18.71
CA ARG A 40 -7.93 8.40 -19.22
C ARG A 40 -8.19 8.84 -20.67
N GLU A 41 -8.90 8.02 -21.43
CA GLU A 41 -9.08 8.30 -22.88
C GLU A 41 -10.32 9.12 -23.17
N ASN A 42 -11.33 9.11 -22.30
CA ASN A 42 -12.66 9.69 -22.58
C ASN A 42 -13.12 10.69 -21.55
N GLN A 43 -12.66 10.59 -20.30
CA GLN A 43 -13.15 11.48 -19.22
C GLN A 43 -12.07 11.50 -18.14
N PRO A 44 -10.90 12.08 -18.46
CA PRO A 44 -9.73 11.93 -17.58
C PRO A 44 -9.95 12.59 -16.22
N LEU A 45 -10.78 13.61 -16.12
CA LEU A 45 -11.11 14.24 -14.81
C LEU A 45 -12.61 14.45 -14.72
N GLY A 46 -13.27 13.46 -14.18
CA GLY A 46 -14.72 13.49 -13.92
C GLY A 46 -15.04 13.14 -12.49
N GLN A 47 -16.29 13.33 -12.14
CA GLN A 47 -16.79 13.05 -10.77
C GLN A 47 -17.59 11.75 -10.78
N ALA A 48 -17.20 10.78 -10.01
CA ALA A 48 -17.95 9.55 -9.75
C ALA A 48 -18.99 9.93 -8.70
N ARG A 49 -20.25 9.55 -8.93
CA ARG A 49 -21.37 9.78 -8.00
C ARG A 49 -22.00 8.43 -7.73
N VAL A 50 -21.37 7.60 -6.95
CA VAL A 50 -21.79 6.20 -6.72
C VAL A 50 -22.70 6.19 -5.48
N GLU A 51 -23.83 5.47 -5.56
CA GLU A 51 -24.77 5.42 -4.43
C GLU A 51 -24.03 4.89 -3.21
N GLY A 52 -24.17 5.60 -2.09
CA GLY A 52 -23.52 5.14 -0.86
C GLY A 52 -22.16 5.77 -0.61
N TYR A 53 -21.67 6.53 -1.57
CA TYR A 53 -20.33 7.19 -1.47
C TYR A 53 -20.52 8.67 -1.70
N ASP A 54 -19.62 9.47 -1.13
CA ASP A 54 -19.52 10.89 -1.47
C ASP A 54 -19.15 10.98 -2.96
N PRO A 55 -19.45 12.11 -3.62
CA PRO A 55 -18.91 12.37 -4.93
C PRO A 55 -17.38 12.45 -4.88
N LEU A 56 -16.76 11.86 -5.88
CA LEU A 56 -15.28 11.81 -5.94
C LEU A 56 -14.77 12.20 -7.31
N TRP A 57 -13.85 13.18 -7.38
CA TRP A 57 -13.09 13.39 -8.62
C TRP A 57 -12.11 12.27 -8.77
N LEU A 58 -12.15 11.53 -9.85
CA LEU A 58 -11.27 10.37 -10.08
C LEU A 58 -10.04 10.90 -10.80
N ILE A 59 -8.90 10.90 -10.10
CA ILE A 59 -7.64 11.45 -10.67
C ILE A 59 -6.93 10.30 -11.33
N THR A 60 -7.08 10.22 -12.65
CA THR A 60 -6.62 9.11 -13.47
C THR A 60 -5.30 9.37 -14.22
N LYS A 61 -4.93 10.65 -14.38
CA LYS A 61 -3.79 11.02 -15.25
C LYS A 61 -2.57 11.24 -14.38
N TYR A 62 -1.42 10.79 -14.85
CA TYR A 62 -0.14 10.95 -14.16
C TYR A 62 0.14 12.42 -13.85
N ALA A 63 -0.06 13.32 -14.81
CA ALA A 63 0.28 14.75 -14.56
C ALA A 63 -0.60 15.28 -13.46
N ASP A 64 -1.85 14.85 -13.45
CA ASP A 64 -2.85 15.36 -12.49
C ASP A 64 -2.55 14.87 -11.07
N LEU A 65 -2.05 13.64 -10.95
CA LEU A 65 -1.65 13.10 -9.62
C LEU A 65 -0.52 13.97 -9.05
N MET A 66 0.42 14.34 -9.89
CA MET A 66 1.54 15.18 -9.42
C MET A 66 1.02 16.57 -9.07
N GLU A 67 0.12 17.12 -9.89
CA GLU A 67 -0.40 18.50 -9.65
C GLU A 67 -1.14 18.54 -8.30
N VAL A 68 -1.91 17.52 -8.02
CA VAL A 68 -2.65 17.51 -6.73
C VAL A 68 -1.70 17.31 -5.55
N GLU A 69 -0.84 16.31 -5.66
CA GLU A 69 0.02 15.90 -4.51
C GLU A 69 1.07 16.94 -4.15
N ARG A 70 1.51 17.76 -5.11
CA ARG A 70 2.53 18.79 -4.80
C ARG A 70 1.89 20.06 -4.21
N GLN A 71 0.57 20.09 -4.06
CA GLN A 71 -0.14 21.25 -3.48
C GLN A 71 -0.95 20.87 -2.24
N PRO A 72 -0.31 20.42 -1.15
CA PRO A 72 -1.03 20.04 0.06
C PRO A 72 -1.82 21.17 0.74
N GLN A 73 -1.44 22.42 0.50
CA GLN A 73 -2.24 23.51 1.13
C GLN A 73 -3.50 23.75 0.34
N ILE A 74 -3.65 23.15 -0.82
CA ILE A 74 -4.96 23.17 -1.57
C ILE A 74 -5.67 21.86 -1.37
N PHE A 75 -4.98 20.73 -1.47
CA PHE A 75 -5.59 19.40 -1.41
C PHE A 75 -5.09 18.69 -0.16
N ALA A 76 -5.92 18.70 0.87
CA ALA A 76 -5.58 18.16 2.18
C ALA A 76 -5.90 16.68 2.25
N ALA A 77 -5.22 15.96 3.13
CA ALA A 77 -5.43 14.53 3.39
C ALA A 77 -6.43 14.36 4.51
N GLY A 78 -6.30 15.13 5.59
CA GLY A 78 -7.12 14.94 6.79
C GLY A 78 -8.15 16.01 7.03
N GLY A 79 -8.21 17.05 6.18
CA GLY A 79 -9.13 18.18 6.30
C GLY A 79 -8.51 19.44 6.79
N GLY A 80 -7.19 19.51 6.86
CA GLY A 80 -6.53 20.76 7.27
C GLY A 80 -6.77 21.06 8.73
N GLU A 81 -7.12 22.31 9.05
CA GLU A 81 -7.23 22.68 10.47
C GLU A 81 -8.40 21.98 11.15
N ASP A 82 -9.42 21.60 10.40
CA ASP A 82 -10.55 20.79 10.94
C ASP A 82 -10.09 19.35 10.88
N LYS A 83 -9.33 18.93 11.85
CA LYS A 83 -8.59 17.67 11.80
C LYS A 83 -9.56 16.53 11.80
N GLY A 84 -9.36 15.57 10.91
CA GLY A 84 -10.28 14.44 10.85
C GLY A 84 -11.53 14.71 10.07
N SER A 85 -11.68 15.85 9.41
CA SER A 85 -12.91 16.10 8.64
C SER A 85 -12.89 15.41 7.29
N ASN A 86 -11.75 14.87 6.86
CA ASN A 86 -11.65 14.04 5.66
C ASN A 86 -11.01 12.72 6.05
N ASN A 87 -11.56 11.64 5.52
CA ASN A 87 -10.94 10.31 5.63
C ASN A 87 -10.00 10.10 4.47
N PRO A 88 -8.68 9.99 4.70
CA PRO A 88 -7.75 9.78 3.59
C PRO A 88 -7.88 8.43 2.90
N ILE A 89 -8.61 7.48 3.49
CA ILE A 89 -8.73 6.12 2.93
C ILE A 89 -10.20 5.95 2.66
N LEU A 90 -10.63 5.68 1.47
CA LEU A 90 -12.04 5.82 1.09
C LEU A 90 -12.89 4.78 1.84
N ALA A 91 -13.75 5.23 2.68
CA ALA A 91 -14.86 4.45 3.22
C ALA A 91 -16.12 4.88 2.52
N ASN A 92 -17.14 4.04 2.59
CA ASN A 92 -18.48 4.46 2.18
C ASN A 92 -19.06 5.44 3.20
N GLN A 93 -20.17 6.06 2.85
CA GLN A 93 -20.78 7.08 3.71
C GLN A 93 -21.22 6.46 5.02
N ALA A 94 -21.80 5.26 5.00
CA ALA A 94 -22.25 4.61 6.23
C ALA A 94 -21.06 4.35 7.14
N GLY A 95 -19.95 3.99 6.53
CA GLY A 95 -18.74 3.71 7.30
C GLY A 95 -18.16 4.96 7.93
N ASP A 96 -18.09 6.07 7.20
CA ASP A 96 -17.66 7.33 7.82
C ASP A 96 -18.65 7.77 8.90
N GLU A 97 -19.95 7.49 8.75
CA GLU A 97 -20.91 7.82 9.84
C GLU A 97 -20.65 6.94 11.06
N PHE A 98 -20.37 5.66 10.91
CA PHE A 98 -19.96 4.79 12.03
C PHE A 98 -18.76 5.40 12.72
N THR A 99 -17.73 5.81 11.95
CA THR A 99 -16.52 6.33 12.60
C THR A 99 -16.81 7.64 13.32
N ARG A 100 -17.60 8.52 12.74
CA ARG A 100 -17.93 9.76 13.42
C ARG A 100 -18.73 9.46 14.69
N GLN A 101 -19.54 8.43 14.72
CA GLN A 101 -20.25 8.02 15.96
C GLN A 101 -19.24 7.52 16.99
N LEU A 102 -18.28 6.72 16.59
CA LEU A 102 -17.28 6.15 17.49
C LEU A 102 -16.35 7.24 18.02
N LEU A 103 -15.82 8.15 17.19
CA LEU A 103 -14.82 9.12 17.64
C LEU A 103 -15.47 10.40 18.15
N GLY A 104 -16.69 10.67 17.77
CA GLY A 104 -17.36 11.93 18.15
C GLY A 104 -17.12 13.04 17.15
N GLY A 105 -17.51 12.87 15.89
CA GLY A 105 -17.62 13.98 14.97
C GLY A 105 -16.54 14.04 13.92
N ASN A 106 -15.56 13.16 13.98
CA ASN A 106 -14.44 13.18 13.01
C ASN A 106 -14.02 11.78 12.65
N LEU A 107 -13.08 11.72 11.70
CA LEU A 107 -12.67 10.46 11.06
C LEU A 107 -11.22 10.11 11.33
N ARG A 108 -10.54 10.86 12.20
CA ARG A 108 -9.11 10.64 12.49
C ARG A 108 -8.99 9.49 13.47
N ILE A 109 -9.10 8.28 12.94
CA ILE A 109 -9.09 7.03 13.74
C ILE A 109 -7.69 6.56 14.01
N LEU A 110 -6.70 7.06 13.24
CA LEU A 110 -5.28 6.85 13.53
C LEU A 110 -4.54 8.18 13.49
N ASP A 111 -3.48 8.30 14.26
CA ASP A 111 -2.54 9.44 14.18
C ASP A 111 -1.38 9.15 13.19
N ALA A 112 -1.57 8.27 12.30
CA ALA A 112 -0.56 7.87 11.33
C ALA A 112 -0.44 8.95 10.23
N LEU A 113 0.69 8.96 9.53
CA LEU A 113 0.97 10.03 8.53
C LEU A 113 -0.17 10.24 7.56
N PRO A 114 -0.89 9.24 7.00
CA PRO A 114 -1.89 9.56 5.99
C PRO A 114 -3.01 10.47 6.44
N TYR A 115 -3.25 10.52 7.76
CA TYR A 115 -4.34 11.30 8.38
C TYR A 115 -3.92 12.73 8.64
N LEU A 116 -2.64 13.03 8.52
CA LEU A 116 -2.09 14.33 8.96
C LEU A 116 -1.85 15.29 7.81
N ASP A 117 -1.94 16.58 8.10
CA ASP A 117 -1.62 17.66 7.16
C ASP A 117 -0.50 18.48 7.74
N GLN A 118 0.14 19.28 6.90
CA GLN A 118 1.26 20.15 7.38
C GLN A 118 0.68 21.28 8.23
N PRO A 119 1.38 21.70 9.28
CA PRO A 119 2.72 21.24 9.59
C PRO A 119 2.85 20.02 10.50
N GLU A 120 1.73 19.56 11.08
CA GLU A 120 1.79 18.36 11.94
C GLU A 120 2.41 17.17 11.21
N HIS A 121 2.02 16.93 9.96
CA HIS A 121 2.59 15.84 9.14
C HIS A 121 4.10 15.92 9.10
N SER A 122 4.62 17.13 8.91
CA SER A 122 6.07 17.31 8.76
C SER A 122 6.80 16.99 10.06
N VAL A 123 6.25 17.44 11.19
CA VAL A 123 6.88 17.18 12.50
C VAL A 123 6.89 15.70 12.78
N VAL A 124 5.77 15.03 12.56
CA VAL A 124 5.68 13.60 12.87
C VAL A 124 6.58 12.81 11.92
N LYS A 125 6.56 13.12 10.64
CA LYS A 125 7.35 12.34 9.64
C LYS A 125 8.83 12.42 9.94
N ASP A 126 9.26 13.54 10.48
CA ASP A 126 10.70 13.72 10.81
C ASP A 126 11.20 12.78 11.92
N VAL A 127 10.32 12.19 12.71
CA VAL A 127 10.75 11.20 13.73
C VAL A 127 11.49 10.04 13.05
N ALA A 128 10.98 9.56 11.93
CA ALA A 128 11.55 8.36 11.28
C ALA A 128 12.15 8.62 9.90
N PHE A 129 12.07 9.82 9.34
CA PHE A 129 12.57 10.10 7.97
C PHE A 129 14.02 9.60 7.78
N ASP A 130 14.89 9.91 8.72
CA ASP A 130 16.31 9.55 8.50
C ASP A 130 16.48 8.06 8.48
N TRP A 131 15.80 7.30 9.33
CA TRP A 131 15.90 5.86 9.44
C TRP A 131 15.65 5.22 8.06
N PHE A 132 14.70 5.79 7.30
CA PHE A 132 14.21 5.18 6.06
C PHE A 132 15.02 5.64 4.85
N ARG A 133 16.03 6.50 5.02
CA ARG A 133 16.85 6.96 3.88
C ARG A 133 17.74 5.82 3.37
N PRO A 134 18.05 5.76 2.07
CA PRO A 134 18.81 4.62 1.55
C PRO A 134 20.13 4.41 2.29
N ALA A 135 20.85 5.49 2.58
CA ALA A 135 22.19 5.28 3.21
C ALA A 135 22.06 4.68 4.59
N ASN A 136 20.95 4.92 5.30
CA ASN A 136 20.74 4.44 6.66
C ASN A 136 20.13 3.06 6.70
N LEU A 137 19.72 2.56 5.53
CA LEU A 137 19.20 1.18 5.39
C LEU A 137 20.32 0.22 5.02
N LYS A 138 21.47 0.71 4.55
CA LYS A 138 22.57 -0.19 4.13
C LYS A 138 22.95 -1.14 5.25
N LYS A 139 22.93 -0.69 6.50
CA LYS A 139 23.33 -1.50 7.68
C LYS A 139 22.47 -2.77 7.84
N TRP A 140 21.29 -2.80 7.22
CA TRP A 140 20.36 -3.95 7.34
C TRP A 140 20.50 -4.90 6.18
N GLU A 141 21.26 -4.58 5.14
CA GLU A 141 21.28 -5.39 3.92
C GLU A 141 21.75 -6.83 4.24
N ASP A 142 22.76 -7.04 5.05
CA ASP A 142 23.22 -8.42 5.32
C ASP A 142 22.14 -9.22 6.04
N ARG A 143 21.45 -8.63 7.00
CA ARG A 143 20.35 -9.33 7.73
C ARG A 143 19.22 -9.64 6.75
N ILE A 144 18.91 -8.71 5.87
CA ILE A 144 17.85 -8.95 4.86
C ILE A 144 18.27 -10.13 4.00
N ARG A 145 19.55 -10.19 3.56
CA ARG A 145 20.02 -11.20 2.63
C ARG A 145 20.01 -12.57 3.31
N GLU A 146 20.36 -12.60 4.60
CA GLU A 146 20.30 -13.86 5.39
C GLU A 146 18.85 -14.34 5.51
N THR A 147 17.91 -13.43 5.70
CA THR A 147 16.48 -13.80 5.73
C THR A 147 16.03 -14.27 4.38
N ALA A 148 16.41 -13.60 3.29
CA ALA A 148 16.02 -14.06 1.93
C ALA A 148 16.53 -15.49 1.70
N ARG A 149 17.79 -15.72 2.05
CA ARG A 149 18.41 -17.05 1.78
C ARG A 149 17.69 -18.13 2.57
N ALA A 150 17.34 -17.87 3.83
CA ALA A 150 16.60 -18.84 4.67
C ALA A 150 15.23 -19.12 4.03
N SER A 151 14.58 -18.10 3.50
CA SER A 151 13.26 -18.27 2.85
C SER A 151 13.41 -19.09 1.58
N ILE A 152 14.49 -18.89 0.81
CA ILE A 152 14.74 -19.62 -0.44
C ILE A 152 15.08 -21.08 -0.10
N ASP A 153 15.78 -21.31 0.99
CA ASP A 153 16.16 -22.69 1.46
C ASP A 153 14.86 -23.46 1.71
N ARG A 154 13.85 -22.83 2.35
CA ARG A 154 12.53 -23.47 2.63
C ARG A 154 11.75 -23.67 1.32
N LEU A 155 11.82 -22.74 0.36
CA LEU A 155 11.18 -22.87 -0.95
C LEU A 155 11.74 -24.10 -1.67
N LEU A 156 13.06 -24.24 -1.71
CA LEU A 156 13.71 -25.39 -2.42
C LEU A 156 13.30 -26.69 -1.71
N ALA A 157 13.22 -26.68 -0.37
CA ALA A 157 12.92 -27.87 0.46
C ALA A 157 11.48 -28.34 0.23
N GLY A 158 10.54 -27.41 -0.04
CA GLY A 158 9.10 -27.70 -0.11
C GLY A 158 8.65 -28.16 -1.48
N GLY A 159 9.55 -28.17 -2.48
CA GLY A 159 9.23 -28.74 -3.80
C GLY A 159 8.62 -27.73 -4.75
N PRO A 160 8.33 -28.12 -6.00
CA PRO A 160 8.09 -27.16 -7.06
C PRO A 160 6.64 -26.66 -7.17
N ASP A 161 5.72 -27.30 -6.47
CA ASP A 161 4.28 -26.95 -6.56
C ASP A 161 3.84 -26.28 -5.26
N LEU A 162 3.37 -25.01 -5.38
CA LEU A 162 3.00 -24.24 -4.19
C LEU A 162 2.13 -23.07 -4.63
N ASP A 163 1.52 -22.46 -3.63
CA ASP A 163 1.00 -21.08 -3.75
C ASP A 163 2.16 -20.13 -3.50
N ALA A 164 2.64 -19.47 -4.55
CA ALA A 164 3.78 -18.55 -4.45
C ALA A 164 3.48 -17.39 -3.49
N VAL A 165 2.20 -17.16 -3.14
CA VAL A 165 1.88 -16.09 -2.15
C VAL A 165 1.92 -16.65 -0.73
N GLN A 166 0.90 -17.42 -0.28
CA GLN A 166 0.74 -17.85 1.10
C GLN A 166 1.85 -18.83 1.50
N GLU A 167 2.51 -19.51 0.55
CA GLU A 167 3.53 -20.50 0.93
C GLU A 167 4.95 -19.98 0.64
N PHE A 168 5.12 -18.71 0.22
CA PHE A 168 6.49 -18.17 -0.02
C PHE A 168 6.50 -16.64 0.21
N ALA A 169 5.88 -15.88 -0.68
CA ALA A 169 6.14 -14.42 -0.78
C ALA A 169 5.73 -13.70 0.49
N VAL A 170 4.75 -14.17 1.24
CA VAL A 170 4.29 -13.41 2.44
C VAL A 170 5.33 -13.44 3.56
N PHE A 171 6.17 -14.47 3.61
CA PHE A 171 6.99 -14.68 4.84
C PHE A 171 8.20 -13.78 4.88
N PHE A 172 8.93 -13.61 3.78
CA PHE A 172 10.21 -12.85 3.81
C PHE A 172 9.95 -11.41 4.27
N PRO A 173 9.04 -10.62 3.65
CA PRO A 173 8.86 -9.24 4.08
C PRO A 173 8.35 -9.10 5.52
N LEU A 174 7.54 -10.08 5.94
CA LEU A 174 7.05 -10.06 7.33
C LEU A 174 8.22 -10.29 8.30
N ARG A 175 9.08 -11.27 8.03
CA ARG A 175 10.22 -11.52 8.93
C ARG A 175 11.14 -10.30 8.93
N VAL A 176 11.40 -9.74 7.77
CA VAL A 176 12.31 -8.55 7.67
C VAL A 176 11.73 -7.45 8.56
N ILE A 177 10.47 -7.04 8.33
CA ILE A 177 10.01 -5.84 9.05
C ILE A 177 9.89 -6.12 10.55
N MET A 178 9.44 -7.31 10.94
CA MET A 178 9.29 -7.60 12.36
C MET A 178 10.66 -7.66 13.05
N SER A 179 11.67 -8.15 12.36
CA SER A 179 13.03 -8.17 12.95
C SER A 179 13.54 -6.73 13.10
N LEU A 180 13.39 -5.89 12.09
CA LEU A 180 13.87 -4.49 12.18
C LEU A 180 13.07 -3.71 13.22
N PHE A 181 11.76 -3.99 13.28
CA PHE A 181 10.78 -3.30 14.12
C PHE A 181 11.09 -3.68 15.55
N GLY A 182 11.35 -4.97 15.79
CA GLY A 182 11.66 -5.56 17.09
C GLY A 182 10.53 -6.44 17.66
N VAL A 183 9.57 -6.87 16.83
CA VAL A 183 8.49 -7.83 17.23
C VAL A 183 9.10 -9.24 17.22
N PRO A 184 8.92 -10.08 18.27
CA PRO A 184 9.52 -11.40 18.26
C PRO A 184 8.93 -12.29 17.16
N GLU A 185 9.68 -13.31 16.74
CA GLU A 185 9.24 -14.19 15.63
C GLU A 185 7.94 -14.90 15.95
N GLU A 186 7.69 -15.25 17.22
CA GLU A 186 6.44 -15.94 17.62
C GLU A 186 5.20 -15.05 17.48
N ASP A 187 5.35 -13.73 17.40
CA ASP A 187 4.22 -12.78 17.22
C ASP A 187 3.93 -12.51 15.73
N GLU A 188 4.71 -13.09 14.83
CA GLU A 188 4.50 -12.86 13.37
C GLU A 188 3.11 -13.35 12.93
N PRO A 189 2.63 -14.53 13.34
CA PRO A 189 1.32 -14.98 12.91
C PRO A 189 0.18 -14.03 13.35
N ARG A 190 0.27 -13.47 14.53
CA ARG A 190 -0.72 -12.49 15.00
C ARG A 190 -0.66 -11.25 14.10
N MET A 191 0.53 -10.74 13.79
CA MET A 191 0.63 -9.54 12.94
C MET A 191 0.10 -9.86 11.55
N MET A 192 0.34 -11.03 11.03
CA MET A 192 -0.14 -11.44 9.70
CA MET A 192 -0.15 -11.42 9.69
C MET A 192 -1.68 -11.48 9.73
N ALA A 193 -2.26 -12.06 10.76
CA ALA A 193 -3.73 -12.16 10.86
C ALA A 193 -4.35 -10.76 10.94
N LEU A 194 -3.80 -9.86 11.73
CA LEU A 194 -4.36 -8.51 11.86
C LEU A 194 -4.16 -7.76 10.53
N THR A 195 -3.07 -7.97 9.82
CA THR A 195 -2.86 -7.33 8.50
C THR A 195 -3.91 -7.78 7.52
N GLN A 196 -4.24 -9.09 7.49
CA GLN A 196 -5.32 -9.58 6.62
C GLN A 196 -6.66 -8.94 7.01
N ASP A 197 -6.94 -8.78 8.30
CA ASP A 197 -8.20 -8.13 8.75
C ASP A 197 -8.20 -6.70 8.23
N PHE A 198 -7.07 -6.01 8.33
CA PHE A 198 -6.95 -4.57 8.04
C PHE A 198 -7.08 -4.25 6.58
N PHE A 199 -6.46 -5.04 5.69
CA PHE A 199 -6.51 -4.82 4.24
C PHE A 199 -7.67 -5.58 3.63
N GLY A 200 -8.35 -6.41 4.43
CA GLY A 200 -9.46 -7.28 3.94
C GLY A 200 -10.83 -6.78 4.35
N VAL A 201 -10.94 -5.54 4.80
CA VAL A 201 -12.23 -5.03 5.36
C VAL A 201 -13.43 -5.21 4.43
N ALA A 202 -13.22 -5.24 3.13
CA ALA A 202 -14.29 -5.39 2.15
C ALA A 202 -14.16 -6.67 1.31
N ASP A 203 -13.31 -7.57 1.75
CA ASP A 203 -13.05 -8.82 1.00
C ASP A 203 -13.91 -9.89 1.63
N PRO A 204 -14.68 -10.65 0.82
CA PRO A 204 -15.61 -11.60 1.43
C PRO A 204 -14.97 -12.79 2.15
N ASP A 205 -13.71 -13.06 1.88
CA ASP A 205 -12.97 -14.18 2.47
C ASP A 205 -12.13 -13.73 3.65
N ALA A 206 -12.19 -12.44 4.03
CA ALA A 206 -11.32 -11.89 5.08
C ALA A 206 -12.16 -11.27 6.19
N GLN A 207 -13.43 -11.64 6.34
CA GLN A 207 -14.32 -11.02 7.34
C GLN A 207 -13.97 -11.46 8.74
N ARG A 208 -13.89 -10.54 9.67
CA ARG A 208 -13.75 -10.85 11.09
C ARG A 208 -15.04 -11.45 11.67
N ASP A 209 -14.85 -12.31 12.65
CA ASP A 209 -16.00 -12.99 13.30
C ASP A 209 -16.75 -12.06 14.23
N ASP A 210 -16.15 -10.99 14.74
CA ASP A 210 -16.70 -10.11 15.79
C ASP A 210 -17.44 -8.87 15.24
N ILE A 211 -17.64 -8.76 13.92
CA ILE A 211 -18.39 -7.61 13.38
C ILE A 211 -19.56 -8.13 12.53
N GLU A 212 -20.55 -7.29 12.36
CA GLU A 212 -21.70 -7.65 11.48
C GLU A 212 -21.28 -7.55 10.01
N ALA A 213 -21.03 -8.66 9.34
CA ALA A 213 -20.39 -8.68 8.02
C ALA A 213 -21.28 -8.03 6.98
N LEU A 214 -22.62 -8.07 7.19
CA LEU A 214 -23.54 -7.62 6.13
C LEU A 214 -24.05 -6.21 6.35
N SER A 215 -23.67 -5.58 7.46
CA SER A 215 -24.08 -4.20 7.79
CA SER A 215 -24.10 -4.21 7.78
C SER A 215 -23.53 -3.22 6.74
N PRO A 216 -24.22 -2.11 6.50
CA PRO A 216 -23.75 -1.12 5.53
C PRO A 216 -22.40 -0.50 5.90
N ASP A 217 -22.11 -0.56 7.18
CA ASP A 217 -20.84 -0.02 7.72
C ASP A 217 -19.89 -1.13 8.11
N ALA A 218 -20.03 -2.34 7.56
CA ALA A 218 -19.19 -3.46 7.99
C ALA A 218 -17.70 -3.18 7.86
N ALA A 219 -17.28 -2.63 6.74
CA ALA A 219 -15.83 -2.43 6.50
C ALA A 219 -15.31 -1.49 7.58
N ALA A 220 -16.05 -0.44 7.88
CA ALA A 220 -15.61 0.52 8.89
C ALA A 220 -15.57 -0.09 10.29
N GLN A 221 -16.55 -0.98 10.59
CA GLN A 221 -16.49 -1.72 11.86
C GLN A 221 -15.26 -2.62 11.91
N GLN A 222 -14.94 -3.30 10.82
CA GLN A 222 -13.74 -4.16 10.80
C GLN A 222 -12.46 -3.33 10.94
N TRP A 223 -12.39 -2.20 10.25
CA TRP A 223 -11.23 -1.30 10.33
C TRP A 223 -11.02 -0.93 11.80
N ALA A 224 -12.06 -0.45 12.45
CA ALA A 224 -11.95 -0.02 13.85
C ALA A 224 -11.59 -1.17 14.79
N ALA A 225 -12.22 -2.34 14.59
CA ALA A 225 -11.92 -3.49 15.48
C ALA A 225 -10.45 -3.87 15.36
N THR A 226 -9.92 -3.91 14.14
CA THR A 226 -8.54 -4.30 13.88
C THR A 226 -7.60 -3.29 14.51
N ILE A 227 -7.91 -2.00 14.38
CA ILE A 227 -7.07 -0.95 15.04
C ILE A 227 -7.04 -1.16 16.55
N ALA A 228 -8.19 -1.49 17.16
CA ALA A 228 -8.20 -1.68 18.62
C ALA A 228 -7.30 -2.83 19.01
N ASP A 229 -7.26 -3.91 18.22
CA ASP A 229 -6.38 -5.05 18.50
C ASP A 229 -4.93 -4.59 18.35
N PHE A 230 -4.61 -3.84 17.31
CA PHE A 230 -3.22 -3.36 17.15
C PHE A 230 -2.86 -2.47 18.35
N TYR A 231 -3.71 -1.57 18.76
CA TYR A 231 -3.44 -0.67 19.91
C TYR A 231 -3.11 -1.52 21.14
N ALA A 232 -3.86 -2.58 21.38
CA ALA A 232 -3.62 -3.37 22.62
C ALA A 232 -2.22 -3.96 22.56
N TYR A 233 -1.79 -4.49 21.43
CA TYR A 233 -0.46 -5.07 21.24
C TYR A 233 0.59 -3.99 21.35
N PHE A 234 0.42 -2.87 20.63
CA PHE A 234 1.46 -1.82 20.59
C PHE A 234 1.54 -1.03 21.89
N ASP A 235 0.52 -0.95 22.73
CA ASP A 235 0.65 -0.31 24.06
C ASP A 235 1.77 -0.98 24.85
N VAL A 236 1.74 -2.29 24.88
CA VAL A 236 2.78 -3.07 25.62
C VAL A 236 4.14 -2.81 25.00
N LEU A 237 4.26 -2.76 23.67
CA LEU A 237 5.57 -2.56 23.02
C LEU A 237 6.08 -1.14 23.34
N VAL A 238 5.25 -0.12 23.21
CA VAL A 238 5.71 1.27 23.51
C VAL A 238 6.20 1.33 24.96
N GLU A 239 5.41 0.82 25.90
CA GLU A 239 5.81 0.93 27.34
C GLU A 239 7.12 0.18 27.54
N SER A 240 7.28 -0.97 26.90
CA SER A 240 8.49 -1.82 27.04
C SER A 240 9.70 -1.01 26.56
N ARG A 241 9.65 -0.36 25.39
CA ARG A 241 10.83 0.30 24.79
C ARG A 241 11.13 1.62 25.52
N ARG A 242 10.12 2.29 26.06
CA ARG A 242 10.34 3.54 26.83
C ARG A 242 11.07 3.18 28.12
N ALA A 243 10.79 2.02 28.67
CA ALA A 243 11.37 1.54 29.96
C ALA A 243 12.76 0.98 29.69
N GLU A 244 12.94 0.29 28.56
CA GLU A 244 14.23 -0.32 28.17
C GLU A 244 14.47 -0.16 26.67
N PRO A 245 15.06 0.98 26.23
CA PRO A 245 15.36 1.20 24.81
C PRO A 245 16.21 0.06 24.26
N ARG A 246 16.01 -0.26 23.00
CA ARG A 246 16.76 -1.29 22.27
C ARG A 246 17.21 -0.71 20.92
N ASP A 247 17.98 -1.46 20.17
CA ASP A 247 18.42 -0.94 18.86
C ASP A 247 17.48 -1.41 17.78
N ASP A 248 16.26 -0.89 17.83
CA ASP A 248 15.23 -1.30 16.87
C ASP A 248 14.38 -0.09 16.50
N LEU A 249 13.58 -0.27 15.48
CA LEU A 249 12.76 0.83 14.95
C LEU A 249 11.65 1.11 15.98
N ALA A 250 11.13 0.10 16.67
CA ALA A 250 10.14 0.31 17.74
C ALA A 250 10.67 1.33 18.72
N THR A 251 11.94 1.25 19.10
CA THR A 251 12.47 2.16 20.13
C THR A 251 12.48 3.59 19.57
N LEU A 252 13.02 3.78 18.37
CA LEU A 252 13.13 5.13 17.75
C LEU A 252 11.77 5.80 17.85
N ILE A 253 10.72 5.09 17.47
CA ILE A 253 9.36 5.70 17.50
C ILE A 253 8.80 5.82 18.91
N ALA A 254 8.99 4.80 19.75
CA ALA A 254 8.37 4.79 21.09
C ALA A 254 8.95 5.92 21.95
N VAL A 255 10.22 6.21 21.82
CA VAL A 255 10.86 7.21 22.74
C VAL A 255 10.80 8.62 22.15
N ALA A 256 10.23 8.81 20.96
CA ALA A 256 10.34 10.12 20.29
C ALA A 256 9.69 11.21 21.13
N LYS A 257 10.33 12.36 21.19
CA LYS A 257 9.85 13.53 21.93
C LYS A 257 9.72 14.72 20.97
N ASP A 258 8.77 15.60 21.27
CA ASP A 258 8.47 16.83 20.50
C ASP A 258 9.43 17.96 20.88
N GLU A 259 9.21 19.13 20.29
CA GLU A 259 10.12 20.29 20.45
C GLU A 259 10.10 20.76 21.92
N ASN A 260 9.10 20.42 22.70
CA ASN A 260 9.01 20.84 24.12
C ASN A 260 9.61 19.78 25.05
N GLY A 261 10.20 18.70 24.53
CA GLY A 261 10.81 17.66 25.37
C GLY A 261 9.81 16.65 25.90
N GLU A 262 8.57 16.62 25.38
CA GLU A 262 7.54 15.70 25.90
C GLU A 262 7.39 14.56 24.89
N TYR A 263 7.12 13.38 25.38
CA TYR A 263 6.85 12.26 24.44
C TYR A 263 5.73 12.72 23.53
N PHE A 264 5.83 12.35 22.25
CA PHE A 264 4.61 12.37 21.41
C PHE A 264 3.59 11.45 22.08
N PRO A 265 2.30 11.75 21.90
CA PRO A 265 1.25 10.88 22.46
C PRO A 265 1.46 9.44 22.01
N LYS A 266 1.07 8.50 22.88
CA LYS A 266 1.25 7.08 22.55
C LYS A 266 0.56 6.77 21.23
N THR A 267 -0.59 7.34 20.92
CA THR A 267 -1.28 6.98 19.67
C THR A 267 -0.45 7.38 18.45
N PHE A 268 0.48 8.31 18.55
CA PHE A 268 1.37 8.63 17.40
C PHE A 268 2.31 7.45 17.16
N ALA A 269 2.86 6.86 18.21
CA ALA A 269 3.64 5.64 18.02
C ALA A 269 2.76 4.55 17.47
N TYR A 270 1.55 4.38 18.01
CA TYR A 270 0.67 3.30 17.51
C TYR A 270 0.42 3.50 16.01
N GLY A 271 0.27 4.73 15.57
CA GLY A 271 0.03 5.02 14.15
C GLY A 271 1.20 4.58 13.29
N TRP A 272 2.42 4.93 13.66
CA TRP A 272 3.61 4.44 12.95
C TRP A 272 3.59 2.92 12.95
N PHE A 273 3.32 2.30 14.09
CA PHE A 273 3.41 0.84 14.24
C PHE A 273 2.38 0.14 13.37
N VAL A 274 1.16 0.68 13.31
CA VAL A 274 0.13 0.10 12.43
C VAL A 274 0.59 0.16 10.99
N ALA A 275 1.17 1.29 10.55
CA ALA A 275 1.61 1.35 9.13
C ALA A 275 2.76 0.36 8.90
N ILE A 276 3.73 0.34 9.80
CA ILE A 276 4.90 -0.57 9.64
C ILE A 276 4.47 -2.04 9.66
N ALA A 277 3.60 -2.40 10.57
CA ALA A 277 3.16 -3.79 10.78
C ALA A 277 2.23 -4.28 9.63
N THR A 278 1.74 -3.38 8.75
CA THR A 278 0.79 -3.75 7.69
C THR A 278 1.39 -3.47 6.30
N ALA A 279 1.48 -2.21 5.91
CA ALA A 279 2.14 -1.83 4.64
C ALA A 279 3.62 -2.24 4.63
N GLY A 280 4.24 -2.31 5.80
CA GLY A 280 5.67 -2.63 5.89
C GLY A 280 6.00 -3.98 5.33
N HIS A 281 5.08 -4.92 5.24
CA HIS A 281 5.35 -6.22 4.62
C HIS A 281 4.37 -6.55 3.48
N ASP A 282 3.11 -6.12 3.53
CA ASP A 282 2.11 -6.63 2.59
C ASP A 282 2.38 -6.14 1.15
N THR A 283 2.77 -4.88 0.99
CA THR A 283 3.00 -4.28 -0.35
C THR A 283 4.19 -4.97 -1.03
N THR A 284 5.22 -5.21 -0.27
CA THR A 284 6.43 -5.90 -0.77
C THR A 284 6.05 -7.32 -1.17
N ALA A 285 5.29 -8.01 -0.34
CA ALA A 285 4.85 -9.38 -0.70
C ALA A 285 4.04 -9.37 -2.00
N SER A 286 3.13 -8.43 -2.16
CA SER A 286 2.30 -8.28 -3.38
C SER A 286 3.17 -8.05 -4.60
N THR A 287 4.18 -7.17 -4.47
CA THR A 287 5.05 -6.81 -5.61
C THR A 287 5.91 -8.04 -5.96
N LEU A 288 6.42 -8.74 -4.98
CA LEU A 288 7.22 -9.98 -5.24
C LEU A 288 6.35 -11.01 -5.97
N ALA A 289 5.11 -11.25 -5.49
CA ALA A 289 4.22 -12.24 -6.13
C ALA A 289 3.87 -11.80 -7.53
N GLY A 290 3.59 -10.51 -7.74
CA GLY A 290 3.31 -9.94 -9.03
C GLY A 290 4.47 -10.11 -10.00
N CYS A 291 5.68 -9.90 -9.48
CA CYS A 291 6.89 -10.07 -10.30
C CYS A 291 6.97 -11.54 -10.76
N LEU A 292 6.80 -12.46 -9.83
CA LEU A 292 6.79 -13.91 -10.22
C LEU A 292 5.73 -14.15 -11.29
N GLN A 293 4.49 -13.66 -11.13
CA GLN A 293 3.45 -13.83 -12.13
C GLN A 293 3.88 -13.28 -13.51
N SER A 294 4.54 -12.13 -13.55
CA SER A 294 5.03 -11.52 -14.78
C SER A 294 6.19 -12.33 -15.38
N LEU A 295 7.03 -12.93 -14.57
CA LEU A 295 8.14 -13.78 -15.11
C LEU A 295 7.54 -15.06 -15.67
N ALA A 296 6.40 -15.54 -15.21
CA ALA A 296 5.73 -16.68 -15.87
C ALA A 296 5.23 -16.29 -17.25
N ALA A 297 4.65 -15.09 -17.39
CA ALA A 297 4.06 -14.60 -18.62
C ALA A 297 5.16 -14.22 -19.61
N HIS A 298 6.35 -13.86 -19.10
CA HIS A 298 7.47 -13.29 -19.92
C HIS A 298 8.74 -14.05 -19.58
N PRO A 299 8.86 -15.34 -19.98
CA PRO A 299 10.00 -16.14 -19.53
C PRO A 299 11.35 -15.55 -20.02
N GLU A 300 11.30 -14.84 -21.15
CA GLU A 300 12.50 -14.23 -21.79
C GLU A 300 13.03 -13.18 -20.80
N VAL A 301 12.17 -12.58 -19.98
CA VAL A 301 12.66 -11.61 -18.96
C VAL A 301 13.44 -12.34 -17.89
N LEU A 302 12.95 -13.47 -17.41
CA LEU A 302 13.66 -14.24 -16.37
C LEU A 302 15.03 -14.63 -16.94
N ASP A 303 15.05 -15.06 -18.20
CA ASP A 303 16.32 -15.48 -18.84
C ASP A 303 17.29 -14.29 -18.84
N ARG A 304 16.82 -13.12 -19.26
CA ARG A 304 17.67 -11.92 -19.34
C ARG A 304 18.21 -11.51 -17.97
N VAL A 305 17.37 -11.53 -16.93
CA VAL A 305 17.80 -11.07 -15.60
C VAL A 305 18.72 -12.10 -14.93
N LYS A 306 18.63 -13.35 -15.32
CA LYS A 306 19.56 -14.35 -14.78
C LYS A 306 20.92 -14.13 -15.47
N GLY A 307 20.88 -13.70 -16.71
CA GLY A 307 22.10 -13.43 -17.49
C GLY A 307 22.76 -12.14 -17.06
N ASP A 308 21.96 -11.17 -16.61
CA ASP A 308 22.51 -9.87 -16.15
C ASP A 308 21.83 -9.46 -14.84
N PRO A 309 22.34 -9.88 -13.67
CA PRO A 309 21.75 -9.52 -12.37
C PRO A 309 21.69 -8.01 -12.15
N ASP A 310 22.46 -7.18 -12.88
CA ASP A 310 22.36 -5.70 -12.74
C ASP A 310 21.03 -5.19 -13.30
N LEU A 311 20.28 -6.00 -14.03
CA LEU A 311 18.91 -5.64 -14.46
C LEU A 311 17.92 -5.78 -13.29
N ILE A 312 18.28 -6.35 -12.17
CA ILE A 312 17.28 -6.62 -11.07
C ILE A 312 16.62 -5.31 -10.65
N PRO A 313 17.29 -4.18 -10.40
CA PRO A 313 16.56 -2.97 -10.02
C PRO A 313 15.55 -2.56 -11.07
N ASP A 314 15.82 -2.71 -12.36
CA ASP A 314 14.91 -2.38 -13.44
C ASP A 314 13.70 -3.33 -13.33
N LEU A 315 13.93 -4.61 -13.05
CA LEU A 315 12.84 -5.56 -12.88
C LEU A 315 11.97 -5.13 -11.69
N VAL A 316 12.57 -4.68 -10.61
CA VAL A 316 11.81 -4.23 -9.42
C VAL A 316 10.95 -3.01 -9.79
N ASN A 317 11.53 -2.06 -10.48
CA ASN A 317 10.79 -0.83 -10.87
C ASN A 317 9.63 -1.17 -11.78
N GLU A 318 9.82 -2.10 -12.72
CA GLU A 318 8.71 -2.41 -13.65
C GLU A 318 7.63 -3.21 -12.91
N SER A 319 8.03 -4.04 -11.95
CA SER A 319 7.04 -4.78 -11.12
C SER A 319 6.24 -3.77 -10.28
N LEU A 320 6.90 -2.77 -9.73
CA LEU A 320 6.20 -1.73 -8.96
C LEU A 320 5.18 -1.01 -9.85
N ARG A 321 5.57 -0.64 -11.05
CA ARG A 321 4.67 0.09 -11.96
C ARG A 321 3.46 -0.78 -12.33
N ILE A 322 3.71 -2.04 -12.66
CA ILE A 322 2.64 -2.94 -13.15
C ILE A 322 1.73 -3.33 -11.96
N VAL A 323 2.27 -3.71 -10.82
CA VAL A 323 1.49 -4.25 -9.68
C VAL A 323 0.79 -3.08 -8.98
N SER A 324 1.53 -1.98 -8.72
CA SER A 324 0.99 -0.73 -8.11
C SER A 324 0.02 -1.13 -7.01
N PRO A 325 0.46 -1.79 -5.94
CA PRO A 325 -0.48 -2.40 -4.99
C PRO A 325 -1.23 -1.41 -4.12
N VAL A 326 -0.69 -0.22 -3.96
CA VAL A 326 -1.43 0.82 -3.20
C VAL A 326 -2.25 1.63 -4.22
N LYS A 327 -3.56 1.45 -4.16
CA LYS A 327 -4.45 1.95 -5.24
C LYS A 327 -4.88 3.41 -5.12
N HIS A 328 -4.98 3.92 -3.90
CA HIS A 328 -5.45 5.32 -3.74
C HIS A 328 -5.29 5.81 -2.31
N PHE A 329 -5.27 7.12 -2.23
CA PHE A 329 -5.62 7.88 -1.02
C PHE A 329 -6.57 8.97 -1.52
N THR A 330 -7.32 9.54 -0.60
CA THR A 330 -8.25 10.63 -0.94
C THR A 330 -7.71 11.97 -0.45
N ARG A 331 -8.15 13.03 -1.10
CA ARG A 331 -7.88 14.41 -0.74
C ARG A 331 -9.16 15.21 -0.72
N VAL A 332 -9.16 16.31 -0.02
CA VAL A 332 -10.27 17.26 -0.05
C VAL A 332 -9.75 18.62 -0.48
N ALA A 333 -10.48 19.29 -1.36
CA ALA A 333 -10.11 20.63 -1.82
C ALA A 333 -10.42 21.65 -0.74
N LEU A 334 -9.44 22.42 -0.31
CA LEU A 334 -9.62 23.50 0.68
C LEU A 334 -10.06 24.80 0.01
N GLN A 335 -10.02 24.88 -1.28
CA GLN A 335 -10.49 26.08 -2.03
C GLN A 335 -10.90 25.57 -3.39
N ASP A 336 -11.70 26.35 -4.13
CA ASP A 336 -12.01 26.00 -5.49
C ASP A 336 -10.71 25.94 -6.30
N TYR A 337 -10.63 25.07 -7.28
CA TYR A 337 -9.41 24.86 -8.06
C TYR A 337 -9.78 24.36 -9.45
N GLU A 338 -9.25 24.98 -10.49
CA GLU A 338 -9.51 24.57 -11.87
C GLU A 338 -8.37 23.67 -12.37
N MET A 339 -8.73 22.51 -12.91
CA MET A 339 -7.77 21.57 -13.48
C MET A 339 -8.38 20.87 -14.68
N ARG A 340 -7.65 20.81 -15.79
CA ARG A 340 -8.08 20.04 -16.97
C ARG A 340 -9.48 20.45 -17.40
N GLY A 341 -9.79 21.75 -17.33
CA GLY A 341 -11.07 22.31 -17.79
C GLY A 341 -12.20 22.05 -16.82
N GLN A 342 -11.91 21.49 -15.62
CA GLN A 342 -12.99 21.20 -14.64
C GLN A 342 -12.86 22.13 -13.45
N LYS A 343 -13.96 22.43 -12.76
CA LYS A 343 -14.03 23.30 -11.60
C LYS A 343 -14.23 22.45 -10.36
N ILE A 344 -13.13 22.10 -9.70
CA ILE A 344 -13.23 21.43 -8.39
C ILE A 344 -13.66 22.47 -7.37
N LYS A 345 -14.65 22.17 -6.59
CA LYS A 345 -15.15 23.12 -5.61
C LYS A 345 -14.59 22.81 -4.23
N ALA A 346 -14.42 23.84 -3.41
CA ALA A 346 -14.04 23.68 -2.01
C ALA A 346 -14.96 22.64 -1.37
N GLY A 347 -14.36 21.69 -0.69
CA GLY A 347 -15.09 20.61 -0.04
C GLY A 347 -15.19 19.36 -0.86
N ASP A 348 -14.96 19.46 -2.16
CA ASP A 348 -15.02 18.25 -3.00
C ASP A 348 -13.88 17.30 -2.64
N ARG A 349 -14.18 16.02 -2.66
CA ARG A 349 -13.17 14.97 -2.44
C ARG A 349 -12.66 14.45 -3.79
N LEU A 350 -11.40 14.00 -3.76
CA LEU A 350 -10.63 13.47 -4.87
C LEU A 350 -10.16 12.11 -4.51
N MET A 351 -10.10 11.16 -5.45
CA MET A 351 -9.54 9.83 -5.28
C MET A 351 -8.33 9.75 -6.20
N LEU A 352 -7.14 9.60 -5.61
CA LEU A 352 -5.87 9.55 -6.38
C LEU A 352 -5.64 8.14 -6.88
N LEU A 353 -5.74 7.90 -8.17
CA LEU A 353 -5.66 6.52 -8.68
C LEU A 353 -4.24 6.22 -9.17
N PHE A 354 -3.39 5.79 -8.27
CA PHE A 354 -1.97 5.57 -8.61
C PHE A 354 -1.83 4.50 -9.68
N GLN A 355 -2.67 3.46 -9.65
CA GLN A 355 -2.52 2.40 -10.68
C GLN A 355 -2.78 2.99 -12.06
N SER A 356 -3.75 3.86 -12.22
CA SER A 356 -4.10 4.50 -13.49
C SER A 356 -2.97 5.41 -13.95
N GLY A 357 -2.40 6.19 -13.05
CA GLY A 357 -1.29 7.04 -13.46
C GLY A 357 -0.18 6.20 -14.05
N ASN A 358 0.00 5.00 -13.51
CA ASN A 358 1.07 4.07 -13.95
C ASN A 358 0.76 3.43 -15.30
N ARG A 359 -0.39 3.71 -15.88
CA ARG A 359 -0.70 3.15 -17.23
C ARG A 359 -0.95 4.31 -18.20
N ASP A 360 -0.59 5.53 -17.82
CA ASP A 360 -0.87 6.73 -18.64
C ASP A 360 0.00 6.70 -19.91
N ALA A 361 -0.64 6.65 -21.07
CA ALA A 361 0.10 6.52 -22.35
C ALA A 361 0.83 7.80 -22.67
N GLU A 362 0.51 8.92 -22.06
CA GLU A 362 1.28 10.17 -22.28
C GLU A 362 2.64 10.07 -21.65
N VAL A 363 2.84 9.15 -20.72
CA VAL A 363 4.10 9.00 -19.96
C VAL A 363 4.80 7.72 -20.34
N PHE A 364 4.07 6.62 -20.50
CA PHE A 364 4.64 5.30 -20.76
C PHE A 364 4.23 4.83 -22.16
N ASP A 365 5.24 4.46 -22.95
CA ASP A 365 5.03 3.82 -24.25
C ASP A 365 4.53 2.40 -24.02
N ARG A 366 3.44 1.99 -24.67
CA ARG A 366 2.90 0.62 -24.51
C ARG A 366 2.74 0.35 -23.01
N PRO A 367 1.88 1.14 -22.36
CA PRO A 367 1.86 1.11 -20.90
C PRO A 367 1.42 -0.21 -20.25
N ASP A 368 0.68 -1.08 -21.01
CA ASP A 368 0.28 -2.40 -20.47
C ASP A 368 1.33 -3.48 -20.67
N ASP A 369 2.43 -3.17 -21.37
CA ASP A 369 3.48 -4.17 -21.60
C ASP A 369 4.39 -4.16 -20.41
N PHE A 370 4.88 -5.31 -20.07
CA PHE A 370 5.92 -5.53 -19.08
C PHE A 370 7.27 -5.29 -19.74
N ASP A 371 7.92 -4.16 -19.49
CA ASP A 371 9.11 -3.71 -20.25
C ASP A 371 10.15 -3.21 -19.24
N ILE A 372 11.12 -4.03 -18.88
CA ILE A 372 12.12 -3.63 -17.86
C ILE A 372 13.12 -2.61 -18.44
N ASP A 373 13.07 -2.32 -19.74
CA ASP A 373 14.02 -1.38 -20.39
C ASP A 373 13.51 0.06 -20.39
N ARG A 374 12.48 0.40 -19.60
CA ARG A 374 12.09 1.81 -19.35
C ARG A 374 13.16 2.44 -18.46
N ARG A 375 13.95 3.34 -19.02
CA ARG A 375 15.05 4.01 -18.30
C ARG A 375 15.05 5.46 -18.71
N PRO A 376 14.78 6.39 -17.77
CA PRO A 376 14.29 6.04 -16.42
C PRO A 376 12.84 5.48 -16.37
N ASN A 377 12.57 4.69 -15.33
CA ASN A 377 11.19 4.18 -15.14
C ASN A 377 10.46 5.19 -14.24
N LYS A 378 9.63 6.00 -14.84
CA LYS A 378 9.00 7.18 -14.17
C LYS A 378 7.78 6.80 -13.32
N HIS A 379 7.65 5.55 -12.89
CA HIS A 379 6.43 5.12 -12.18
C HIS A 379 6.17 6.02 -10.98
N ILE A 380 4.89 6.07 -10.63
CA ILE A 380 4.33 6.79 -9.46
C ILE A 380 3.71 5.76 -8.50
N ALA A 381 4.20 4.54 -8.43
CA ALA A 381 3.66 3.54 -7.50
C ALA A 381 3.80 3.97 -6.05
N PHE A 382 4.78 4.83 -5.71
CA PHE A 382 4.99 5.32 -4.35
C PHE A 382 4.31 6.67 -4.11
N GLY A 383 3.52 7.15 -5.06
CA GLY A 383 2.88 8.45 -4.93
C GLY A 383 3.87 9.58 -5.06
N TYR A 384 3.59 10.70 -4.44
CA TYR A 384 4.20 11.98 -4.80
C TYR A 384 3.87 12.96 -3.70
N GLY A 385 4.65 14.03 -3.64
CA GLY A 385 4.40 15.10 -2.68
C GLY A 385 4.85 14.71 -1.29
N PRO A 386 4.53 15.51 -0.26
CA PRO A 386 5.03 15.28 1.09
C PRO A 386 4.60 13.95 1.70
N HIS A 387 3.50 13.37 1.20
CA HIS A 387 3.01 12.05 1.66
C HIS A 387 3.65 10.90 0.87
N MET A 388 4.57 11.17 -0.07
CA MET A 388 5.19 10.09 -0.85
CA MET A 388 5.18 10.09 -0.85
C MET A 388 5.68 9.00 0.11
N CYS A 389 5.51 7.72 -0.28
CA CYS A 389 5.85 6.57 0.56
C CYS A 389 7.15 6.77 1.31
N ILE A 390 7.09 6.65 2.61
CA ILE A 390 8.32 6.70 3.42
C ILE A 390 9.08 5.40 3.30
N GLY A 391 8.45 4.28 3.07
CA GLY A 391 9.09 2.96 3.07
C GLY A 391 9.69 2.58 1.73
N GLN A 392 9.66 3.45 0.74
CA GLN A 392 10.02 3.06 -0.66
C GLN A 392 11.44 2.48 -0.72
N HIS A 393 12.37 3.03 0.04
CA HIS A 393 13.78 2.57 -0.13
C HIS A 393 13.95 1.23 0.51
N LEU A 394 13.26 0.94 1.60
CA LEU A 394 13.29 -0.38 2.24
C LEU A 394 12.64 -1.41 1.32
N ALA A 395 11.50 -1.08 0.71
CA ALA A 395 10.83 -1.98 -0.24
C ALA A 395 11.75 -2.32 -1.40
N LYS A 396 12.38 -1.31 -1.97
CA LYS A 396 13.26 -1.56 -3.16
C LYS A 396 14.49 -2.37 -2.72
N LEU A 397 15.01 -2.17 -1.53
CA LEU A 397 16.18 -2.96 -1.05
C LEU A 397 15.76 -4.41 -0.85
N GLU A 398 14.64 -4.67 -0.15
CA GLU A 398 14.20 -6.05 0.11
C GLU A 398 13.94 -6.77 -1.20
N LEU A 399 13.28 -6.13 -2.15
CA LEU A 399 12.92 -6.77 -3.45
C LEU A 399 14.21 -7.06 -4.22
N LYS A 400 15.16 -6.13 -4.21
CA LYS A 400 16.46 -6.36 -4.89
C LYS A 400 17.17 -7.53 -4.27
N VAL A 401 17.30 -7.60 -2.97
CA VAL A 401 18.04 -8.66 -2.26
C VAL A 401 17.35 -9.99 -2.54
N MET A 402 16.03 -10.06 -2.41
CA MET A 402 15.35 -11.34 -2.61
C MET A 402 15.56 -11.76 -4.03
N LEU A 403 15.41 -10.92 -5.04
CA LEU A 403 15.54 -11.35 -6.46
C LEU A 403 17.00 -11.74 -6.75
N GLN A 404 17.97 -11.05 -6.19
CA GLN A 404 19.40 -11.43 -6.38
C GLN A 404 19.59 -12.85 -5.88
N GLU A 405 19.02 -13.25 -4.79
CA GLU A 405 19.23 -14.58 -4.14
C GLU A 405 18.33 -15.62 -4.83
N LEU A 406 17.14 -15.24 -5.25
CA LEU A 406 16.13 -16.23 -5.75
C LEU A 406 16.38 -16.54 -7.20
N LEU A 407 16.53 -15.58 -8.09
CA LEU A 407 16.46 -15.82 -9.54
C LEU A 407 17.54 -16.81 -9.99
N PRO A 408 18.76 -16.85 -9.42
CA PRO A 408 19.71 -17.86 -9.88
C PRO A 408 19.16 -19.29 -9.72
N HIS A 409 18.24 -19.51 -8.79
CA HIS A 409 17.66 -20.84 -8.40
C HIS A 409 16.43 -21.17 -9.22
N LEU A 410 15.92 -20.25 -10.04
CA LEU A 410 14.70 -20.44 -10.88
C LEU A 410 15.06 -20.55 -12.35
N GLU A 411 14.64 -21.62 -13.00
CA GLU A 411 14.77 -21.75 -14.47
C GLU A 411 13.49 -21.29 -15.15
N ARG A 412 12.35 -21.51 -14.51
CA ARG A 412 11.04 -21.20 -15.11
C ARG A 412 9.97 -21.13 -14.01
N VAL A 413 9.06 -20.20 -14.21
CA VAL A 413 7.82 -20.07 -13.37
C VAL A 413 6.65 -20.37 -14.30
N GLU A 414 5.78 -21.30 -13.89
CA GLU A 414 4.52 -21.54 -14.58
C GLU A 414 3.38 -21.28 -13.58
N VAL A 415 2.35 -20.55 -14.02
CA VAL A 415 1.13 -20.40 -13.19
C VAL A 415 0.25 -21.61 -13.51
N SER A 416 -0.04 -22.41 -12.51
CA SER A 416 -0.66 -23.76 -12.70
C SER A 416 -2.10 -23.77 -12.19
N GLY A 417 -2.63 -22.62 -11.77
CA GLY A 417 -3.97 -22.56 -11.19
C GLY A 417 -4.41 -21.12 -11.16
N GLU A 418 -5.61 -20.85 -10.69
CA GLU A 418 -6.25 -19.53 -10.85
C GLU A 418 -5.69 -18.56 -9.80
N PRO A 419 -5.09 -17.43 -10.27
CA PRO A 419 -4.66 -16.38 -9.33
C PRO A 419 -5.89 -15.76 -8.67
N LYS A 420 -5.69 -15.32 -7.44
CA LYS A 420 -6.73 -14.57 -6.69
C LYS A 420 -6.12 -13.26 -6.15
N LEU A 421 -6.90 -12.21 -6.32
CA LEU A 421 -6.57 -10.85 -5.78
C LEU A 421 -7.38 -10.61 -4.54
N ILE A 422 -6.85 -9.83 -3.63
CA ILE A 422 -7.62 -9.25 -2.50
C ILE A 422 -8.64 -8.31 -3.13
N GLN A 423 -9.90 -8.43 -2.71
CA GLN A 423 -10.96 -7.54 -3.12
C GLN A 423 -10.88 -6.29 -2.22
N THR A 424 -10.28 -5.24 -2.76
CA THR A 424 -10.12 -3.95 -2.06
C THR A 424 -9.91 -2.87 -3.09
N ASN A 425 -10.35 -1.66 -2.77
CA ASN A 425 -10.00 -0.44 -3.51
C ASN A 425 -8.78 0.27 -2.89
N PHE A 426 -8.14 -0.35 -1.89
CA PHE A 426 -7.06 0.35 -1.15
C PHE A 426 -5.72 -0.34 -1.35
N VAL A 427 -5.34 -1.25 -0.48
CA VAL A 427 -4.01 -1.92 -0.56
C VAL A 427 -4.27 -3.37 -0.96
N GLY A 428 -4.04 -3.66 -2.24
CA GLY A 428 -4.42 -4.96 -2.84
C GLY A 428 -3.26 -5.70 -3.41
N GLY A 429 -3.54 -6.47 -4.41
CA GLY A 429 -2.55 -7.41 -4.96
C GLY A 429 -2.95 -8.83 -4.76
N LEU A 430 -2.07 -9.73 -5.16
CA LEU A 430 -2.41 -11.18 -5.10
C LEU A 430 -2.45 -11.66 -3.67
N ARG A 431 -3.43 -12.57 -3.40
CA ARG A 431 -3.47 -13.41 -2.19
C ARG A 431 -3.16 -14.89 -2.52
N LYS A 432 -3.20 -15.21 -3.80
CA LYS A 432 -2.92 -16.63 -4.23
C LYS A 432 -2.40 -16.62 -5.66
N LEU A 433 -1.31 -17.38 -5.84
CA LEU A 433 -0.71 -17.57 -7.17
C LEU A 433 -0.17 -18.99 -7.26
N PRO A 434 -1.03 -19.97 -7.63
CA PRO A 434 -0.56 -21.35 -7.75
C PRO A 434 0.46 -21.48 -8.90
N VAL A 435 1.63 -22.03 -8.55
CA VAL A 435 2.76 -22.18 -9.51
C VAL A 435 3.26 -23.62 -9.51
N HIS A 436 3.92 -23.89 -10.65
CA HIS A 436 4.91 -24.98 -10.84
C HIS A 436 6.25 -24.32 -11.18
N LEU A 437 7.22 -24.48 -10.30
CA LEU A 437 8.58 -23.92 -10.45
C LEU A 437 9.49 -25.00 -11.02
N THR A 438 10.41 -24.58 -11.86
CA THR A 438 11.52 -25.45 -12.35
C THR A 438 12.75 -24.87 -11.69
N PHE A 439 13.40 -25.60 -10.78
CA PHE A 439 14.60 -25.15 -10.05
C PHE A 439 15.86 -25.45 -10.87
N SER A 440 16.94 -24.71 -10.63
CA SER A 440 18.24 -24.91 -11.34
C SER A 440 19.12 -25.86 -10.51
CHA HEM B . 2.38 5.74 1.75
CHB HEM B . 3.07 2.67 -1.91
CHC HEM B . 6.00 -0.02 0.89
CHD HEM B . 4.98 2.82 4.62
C1A HEM B . 2.34 5.19 0.48
C2A HEM B . 1.65 5.70 -0.69
C3A HEM B . 1.84 4.82 -1.73
C4A HEM B . 2.66 3.78 -1.12
CMA HEM B . 1.26 4.97 -3.08
CAA HEM B . 0.84 6.95 -0.68
CBA HEM B . 1.68 8.20 -1.17
CGA HEM B . 0.86 9.45 -1.33
O1A HEM B . -0.07 9.68 -0.50
O2A HEM B . 1.15 10.24 -2.30
C1B HEM B . 3.88 1.65 -1.42
C2B HEM B . 4.34 0.55 -2.31
C3B HEM B . 5.12 -0.20 -1.49
C4B HEM B . 5.25 0.38 -0.19
CMB HEM B . 4.00 0.37 -3.76
CAB HEM B . 5.95 -1.44 -1.68
CBB HEM B . 6.00 -2.05 -2.75
C1C HEM B . 6.05 0.48 2.18
C2C HEM B . 6.80 0.09 3.29
C3C HEM B . 6.50 0.87 4.37
C4C HEM B . 5.51 1.84 3.85
CMC HEM B . 7.78 -1.05 3.12
CAC HEM B . 7.01 0.82 5.73
CBC HEM B . 8.03 0.07 6.17
C1D HEM B . 4.15 3.87 4.13
C2D HEM B . 3.61 4.95 5.04
C3D HEM B . 2.90 5.76 4.24
C4D HEM B . 2.98 5.21 2.89
CMD HEM B . 3.87 5.13 6.51
CAD HEM B . 2.18 7.05 4.58
CBD HEM B . 3.03 8.28 4.13
CGD HEM B . 2.36 9.59 4.36
O1D HEM B . 1.13 9.71 4.32
O2D HEM B . 3.13 10.56 4.55
NA HEM B . 2.98 3.99 0.18
NB HEM B . 4.40 1.46 -0.18
NC HEM B . 5.30 1.60 2.56
ND HEM B . 3.72 4.03 2.85
FE HEM B . 4.31 2.93 1.26
P PO4 C . -9.71 -19.96 -2.62
O1 PO4 C . -10.84 -20.65 -1.87
O2 PO4 C . -8.72 -19.43 -1.58
O3 PO4 C . -8.99 -21.01 -3.44
O4 PO4 C . -10.26 -18.93 -3.60
#